data_6Q3B
#
_entry.id   6Q3B
#
_cell.length_a   53.258
_cell.length_b   72.337
_cell.length_c   71.882
_cell.angle_alpha   90.00
_cell.angle_beta   90.00
_cell.angle_gamma   90.00
#
_symmetry.space_group_name_H-M   'P 21 21 21'
#
loop_
_entity.id
_entity.type
_entity.pdbx_description
1 polymer 'Cyclin-dependent kinase 2'
2 non-polymer 4-IODOPYRAZOLE
3 water water
#
_entity_poly.entity_id   1
_entity_poly.type   'polypeptide(L)'
_entity_poly.pdbx_seq_one_letter_code
;GPLGSPEFMENFQKVEKIGEGTYGVVYKARNKLTGEVVALKKIRLDTETEGVPSTAIREISLLKELNHPNIVKLLDVIHT
ENKLYLVFEFLHQDLKKFMDASALTGIPLPLIKSYLFQLLQGLAFCHSHRVLHRDLKPQNLLINTEGAIKLADFGLARAF
GVPVRTYTHEVVTLWYRAPEILLGCKYYSTAVDIWSLGCIFAEMVTRRALFPGDSEIDQLFRIFRTLGTPDEVVWPGVTS
MPDYKPSFPKWARQDFSKVVPPLDEDGRSLLSQMLHYDPNKRISAKAALAHPFFQDVTKPVPHLRL
;
_entity_poly.pdbx_strand_id   A
#
loop_
_chem_comp.id
_chem_comp.type
_chem_comp.name
_chem_comp.formula
PYZ non-polymer 4-IODOPYRAZOLE 'C3 H3 I N2'
#
# COMPACT_ATOMS: atom_id res chain seq x y z
N MET A 9 -30.59 -4.25 -3.98
CA MET A 9 -30.13 -3.65 -5.24
C MET A 9 -30.61 -4.52 -6.42
N GLU A 10 -30.71 -3.92 -7.59
CA GLU A 10 -31.30 -4.66 -8.75
C GLU A 10 -30.50 -5.93 -9.04
N ASN A 11 -29.16 -5.91 -8.99
CA ASN A 11 -28.33 -7.03 -9.51
C ASN A 11 -27.61 -7.81 -8.38
N PHE A 12 -27.71 -7.36 -7.13
CA PHE A 12 -26.92 -7.88 -5.97
C PHE A 12 -27.75 -7.79 -4.71
N GLN A 13 -27.40 -8.64 -3.76
CA GLN A 13 -27.91 -8.69 -2.38
C GLN A 13 -26.83 -8.21 -1.39
N LYS A 14 -27.15 -7.27 -0.50
CA LYS A 14 -26.16 -6.65 0.43
C LYS A 14 -25.91 -7.51 1.69
N VAL A 15 -24.82 -8.29 1.72
CA VAL A 15 -24.54 -9.19 2.88
C VAL A 15 -24.17 -8.32 4.10
N GLU A 16 -23.10 -7.53 4.09
CA GLU A 16 -22.72 -6.67 5.26
C GLU A 16 -21.66 -5.62 4.86
N LYS A 17 -21.54 -4.54 5.62
CA LYS A 17 -20.54 -3.47 5.38
C LYS A 17 -19.18 -4.03 5.76
N ILE A 18 -18.18 -3.91 4.89
CA ILE A 18 -16.81 -4.37 5.23
C ILE A 18 -16.01 -3.12 5.61
N GLY A 19 -16.31 -1.91 5.08
CA GLY A 19 -15.51 -0.74 5.47
C GLY A 19 -15.53 0.45 4.53
N GLU A 20 -15.14 1.61 5.09
CA GLU A 20 -14.97 2.88 4.34
C GLU A 20 -13.60 2.81 3.64
N GLY A 21 -13.58 3.03 2.32
CA GLY A 21 -12.33 3.15 1.53
C GLY A 21 -12.10 4.59 1.13
N THR A 22 -10.94 4.93 0.56
CA THR A 22 -10.59 6.32 0.14
C THR A 22 -11.70 6.88 -0.76
N TYR A 23 -12.05 6.19 -1.84
CA TYR A 23 -12.99 6.71 -2.88
C TYR A 23 -14.42 6.21 -2.61
N GLY A 24 -14.67 5.54 -1.49
CA GLY A 24 -16.04 5.20 -1.05
C GLY A 24 -16.14 3.90 -0.26
N VAL A 25 -17.38 3.65 0.18
CA VAL A 25 -17.85 2.56 1.08
C VAL A 25 -17.89 1.22 0.35
N VAL A 26 -17.60 0.17 1.13
CA VAL A 26 -17.47 -1.18 0.55
C VAL A 26 -18.40 -2.13 1.31
N TYR A 27 -19.18 -2.89 0.54
CA TYR A 27 -20.08 -3.94 1.07
C TYR A 27 -19.65 -5.30 0.55
N LYS A 28 -19.82 -6.30 1.39
CA LYS A 28 -19.87 -7.69 0.93
C LYS A 28 -21.25 -7.93 0.30
N ALA A 29 -21.28 -8.42 -0.93
CA ALA A 29 -22.57 -8.63 -1.63
C ALA A 29 -22.57 -9.93 -2.43
N ARG A 30 -23.78 -10.40 -2.75
CA ARG A 30 -24.00 -11.63 -3.55
C ARG A 30 -24.59 -11.28 -4.91
N ASN A 31 -23.95 -11.71 -5.97
CA ASN A 31 -24.44 -11.49 -7.36
C ASN A 31 -25.72 -12.31 -7.55
N LYS A 32 -26.80 -11.68 -7.99
CA LYS A 32 -28.10 -12.41 -8.03
C LYS A 32 -28.05 -13.49 -9.11
N LEU A 33 -27.48 -13.16 -10.26
CA LEU A 33 -27.31 -14.06 -11.45
C LEU A 33 -26.58 -15.34 -11.05
N THR A 34 -25.47 -15.24 -10.31
CA THR A 34 -24.43 -16.29 -10.20
C THR A 34 -24.36 -16.90 -8.79
N GLY A 35 -24.83 -16.20 -7.77
CA GLY A 35 -24.60 -16.51 -6.35
C GLY A 35 -23.21 -16.15 -5.83
N GLU A 36 -22.31 -15.57 -6.63
CA GLU A 36 -20.98 -15.34 -6.08
C GLU A 36 -21.00 -14.18 -5.08
N VAL A 37 -20.14 -14.28 -4.07
CA VAL A 37 -19.90 -13.23 -3.06
C VAL A 37 -18.73 -12.36 -3.55
N VAL A 38 -18.96 -11.06 -3.54
CA VAL A 38 -18.02 -10.05 -4.10
C VAL A 38 -17.94 -8.89 -3.11
N ALA A 39 -16.90 -8.07 -3.24
CA ALA A 39 -16.82 -6.76 -2.57
C ALA A 39 -17.31 -5.69 -3.53
N LEU A 40 -18.34 -4.98 -3.13
CA LEU A 40 -18.98 -3.98 -4.00
C LEU A 40 -18.64 -2.61 -3.40
N LYS A 41 -17.96 -1.77 -4.17
CA LYS A 41 -17.60 -0.42 -3.71
C LYS A 41 -18.47 0.60 -4.43
N LYS A 42 -19.13 1.43 -3.67
CA LYS A 42 -19.93 2.52 -4.27
C LYS A 42 -19.06 3.76 -4.28
N ILE A 43 -18.77 4.31 -5.45
CA ILE A 43 -17.88 5.50 -5.56
C ILE A 43 -18.67 6.74 -5.14
N ARG A 44 -18.10 7.45 -4.19
CA ARG A 44 -18.67 8.69 -3.62
C ARG A 44 -18.47 9.79 -4.66
N LEU A 45 -19.52 10.39 -5.19
CA LEU A 45 -19.36 11.47 -6.20
C LEU A 45 -19.48 12.84 -5.50
N PRO A 53 -18.10 11.28 -13.99
CA PRO A 53 -16.92 11.76 -14.73
C PRO A 53 -16.44 10.70 -15.73
N SER A 54 -16.68 11.00 -17.02
CA SER A 54 -16.52 10.11 -18.19
C SER A 54 -15.07 9.65 -18.30
N THR A 55 -14.12 10.55 -17.97
CA THR A 55 -12.66 10.24 -17.88
C THR A 55 -12.42 8.97 -17.04
N ALA A 56 -12.93 9.01 -15.82
CA ALA A 56 -12.72 8.01 -14.76
C ALA A 56 -13.27 6.67 -15.24
N ILE A 57 -14.42 6.69 -15.90
CA ILE A 57 -15.05 5.42 -16.33
C ILE A 57 -14.17 4.67 -17.31
N ARG A 58 -13.59 5.29 -18.37
CA ARG A 58 -12.80 4.47 -19.31
C ARG A 58 -11.49 4.05 -18.62
N GLU A 59 -10.93 4.90 -17.78
CA GLU A 59 -9.60 4.62 -17.22
C GLU A 59 -9.75 3.47 -16.22
N ILE A 60 -10.81 3.51 -15.40
CA ILE A 60 -11.05 2.43 -14.40
C ILE A 60 -11.46 1.16 -15.15
N SER A 61 -12.13 1.31 -16.28
CA SER A 61 -12.56 0.11 -17.04
C SER A 61 -11.33 -0.63 -17.59
N LEU A 62 -10.23 0.08 -17.92
CA LEU A 62 -8.95 -0.54 -18.41
C LEU A 62 -8.41 -1.50 -17.33
N LEU A 63 -8.71 -1.22 -16.07
CA LEU A 63 -8.17 -1.98 -14.91
C LEU A 63 -8.82 -3.36 -14.81
N LYS A 64 -9.97 -3.57 -15.45
CA LYS A 64 -10.61 -4.90 -15.55
C LYS A 64 -9.68 -5.90 -16.26
N GLU A 65 -8.72 -5.42 -17.06
CA GLU A 65 -7.82 -6.33 -17.80
C GLU A 65 -6.56 -6.64 -16.96
N LEU A 66 -6.34 -5.95 -15.84
CA LEU A 66 -5.07 -5.97 -15.07
C LEU A 66 -5.17 -7.09 -14.04
N ASN A 67 -4.96 -8.35 -14.48
CA ASN A 67 -5.14 -9.56 -13.64
C ASN A 67 -3.80 -10.23 -13.24
N HIS A 68 -3.67 -10.53 -11.95
CA HIS A 68 -2.45 -11.12 -11.36
C HIS A 68 -2.94 -11.81 -10.08
N PRO A 69 -2.23 -12.89 -9.71
CA PRO A 69 -2.53 -13.56 -8.45
C PRO A 69 -2.42 -12.72 -7.17
N ASN A 70 -1.62 -11.65 -7.22
CA ASN A 70 -1.39 -10.78 -6.05
C ASN A 70 -2.10 -9.42 -6.22
N ILE A 71 -3.07 -9.35 -7.13
CA ILE A 71 -3.95 -8.16 -7.27
C ILE A 71 -5.41 -8.57 -7.08
N VAL A 72 -6.14 -7.81 -6.27
CA VAL A 72 -7.60 -8.09 -6.08
C VAL A 72 -8.29 -7.81 -7.42
N LYS A 73 -8.87 -8.85 -8.02
CA LYS A 73 -9.46 -8.76 -9.39
C LYS A 73 -10.67 -7.82 -9.47
N LEU A 74 -10.56 -6.78 -10.31
CA LEU A 74 -11.68 -5.87 -10.63
C LEU A 74 -12.56 -6.66 -11.62
N LEU A 75 -13.63 -7.24 -11.06
CA LEU A 75 -14.61 -8.08 -11.82
C LEU A 75 -15.44 -7.23 -12.78
N ASP A 76 -15.88 -6.07 -12.33
CA ASP A 76 -16.78 -5.26 -13.18
C ASP A 76 -16.79 -3.82 -12.73
N VAL A 77 -17.13 -2.98 -13.69
CA VAL A 77 -17.39 -1.55 -13.45
C VAL A 77 -18.82 -1.36 -13.89
N ILE A 78 -19.63 -0.89 -12.94
CA ILE A 78 -21.11 -0.81 -13.15
C ILE A 78 -21.44 0.65 -13.02
N HIS A 79 -21.88 1.19 -14.14
CA HIS A 79 -22.36 2.58 -14.22
C HIS A 79 -23.84 2.53 -14.57
N THR A 80 -24.66 2.63 -13.56
CA THR A 80 -26.13 2.57 -13.76
C THR A 80 -26.79 3.57 -12.82
N GLU A 81 -27.92 4.14 -13.26
CA GLU A 81 -28.66 5.14 -12.45
C GLU A 81 -27.76 6.33 -12.09
N ASN A 82 -26.77 6.63 -12.95
CA ASN A 82 -25.84 7.76 -12.73
C ASN A 82 -24.97 7.56 -11.48
N LYS A 83 -24.77 6.30 -11.11
CA LYS A 83 -23.89 5.96 -9.97
CA LYS A 83 -23.99 5.85 -9.94
C LYS A 83 -22.89 4.93 -10.46
N LEU A 84 -21.78 4.88 -9.76
CA LEU A 84 -20.59 4.07 -10.13
C LEU A 84 -20.30 3.09 -9.00
N TYR A 85 -20.19 1.83 -9.39
CA TYR A 85 -19.88 0.74 -8.46
C TYR A 85 -18.74 -0.03 -9.10
N LEU A 86 -17.81 -0.45 -8.25
CA LEU A 86 -16.72 -1.33 -8.66
C LEU A 86 -16.99 -2.64 -7.94
N VAL A 87 -16.90 -3.71 -8.70
CA VAL A 87 -17.12 -5.07 -8.16
C VAL A 87 -15.77 -5.77 -8.12
N PHE A 88 -15.39 -6.17 -6.93
CA PHE A 88 -14.08 -6.84 -6.75
C PHE A 88 -14.27 -8.25 -6.23
N GLU A 89 -13.30 -9.10 -6.54
CA GLU A 89 -13.21 -10.41 -5.83
CA GLU A 89 -13.16 -10.39 -5.83
C GLU A 89 -13.18 -10.14 -4.33
N PHE A 90 -13.83 -11.00 -3.58
CA PHE A 90 -13.96 -10.87 -2.12
C PHE A 90 -12.87 -11.73 -1.47
N LEU A 91 -12.19 -11.14 -0.48
CA LEU A 91 -11.34 -11.84 0.48
C LEU A 91 -11.78 -11.50 1.88
N HIS A 92 -11.54 -12.45 2.77
CA HIS A 92 -12.15 -12.41 4.11
C HIS A 92 -11.44 -11.58 5.15
N GLN A 93 -10.21 -11.16 4.93
CA GLN A 93 -9.52 -10.36 6.00
C GLN A 93 -8.49 -9.45 5.37
N ASP A 94 -8.23 -8.33 6.02
CA ASP A 94 -7.15 -7.44 5.58
C ASP A 94 -5.98 -7.53 6.54
N LEU A 95 -4.83 -7.02 6.09
CA LEU A 95 -3.57 -7.18 6.86
C LEU A 95 -3.69 -6.37 8.13
N LYS A 96 -4.43 -5.26 8.12
CA LYS A 96 -4.57 -4.45 9.33
C LYS A 96 -5.18 -5.34 10.43
N LYS A 97 -6.28 -6.00 10.10
CA LYS A 97 -6.96 -6.84 11.11
C LYS A 97 -6.03 -7.99 11.48
N PHE A 98 -5.38 -8.59 10.50
CA PHE A 98 -4.50 -9.75 10.76
C PHE A 98 -3.34 -9.32 11.68
N MET A 99 -2.77 -8.14 11.47
CA MET A 99 -1.68 -7.64 12.38
C MET A 99 -2.24 -7.39 13.78
N ASP A 100 -3.42 -6.80 13.87
CA ASP A 100 -4.06 -6.58 15.19
C ASP A 100 -4.26 -7.93 15.88
N ALA A 101 -4.77 -8.91 15.13
CA ALA A 101 -5.02 -10.27 15.70
C ALA A 101 -3.73 -10.94 16.11
N SER A 102 -2.59 -10.56 15.52
CA SER A 102 -1.28 -11.25 15.67
C SER A 102 -0.41 -10.50 16.69
N ALA A 103 -0.90 -9.45 17.36
CA ALA A 103 -0.05 -8.46 18.05
C ALA A 103 0.66 -9.10 19.24
N LEU A 104 0.15 -10.18 19.81
CA LEU A 104 0.79 -10.73 21.05
C LEU A 104 2.06 -11.47 20.68
N THR A 105 2.06 -12.21 19.59
CA THR A 105 3.20 -13.07 19.16
C THR A 105 3.94 -12.40 18.03
N GLY A 106 3.26 -11.53 17.27
CA GLY A 106 3.77 -11.06 15.97
C GLY A 106 3.51 -12.05 14.83
N ILE A 107 3.38 -11.58 13.62
CA ILE A 107 3.37 -12.42 12.40
C ILE A 107 4.72 -13.12 12.33
N PRO A 108 4.76 -14.44 12.16
CA PRO A 108 6.05 -15.13 12.04
C PRO A 108 6.87 -14.64 10.84
N LEU A 109 8.18 -14.58 11.00
CA LEU A 109 9.04 -14.01 9.94
C LEU A 109 8.80 -14.70 8.60
N PRO A 110 8.71 -16.05 8.51
CA PRO A 110 8.55 -16.65 7.19
C PRO A 110 7.26 -16.18 6.49
N LEU A 111 6.25 -15.81 7.28
CA LEU A 111 5.02 -15.30 6.68
C LEU A 111 5.15 -13.83 6.31
N ILE A 112 5.82 -13.05 7.15
CA ILE A 112 6.14 -11.65 6.72
C ILE A 112 6.87 -11.71 5.36
N LYS A 113 7.88 -12.56 5.27
CA LYS A 113 8.72 -12.65 4.06
C LYS A 113 7.84 -13.05 2.89
N SER A 114 6.97 -14.04 3.09
CA SER A 114 6.05 -14.51 2.03
C SER A 114 5.16 -13.38 1.55
N TYR A 115 4.56 -12.67 2.52
CA TYR A 115 3.65 -11.53 2.24
C TYR A 115 4.40 -10.42 1.50
N LEU A 116 5.61 -10.08 1.95
CA LEU A 116 6.39 -9.00 1.27
C LEU A 116 6.72 -9.45 -0.15
N PHE A 117 7.16 -10.68 -0.34
CA PHE A 117 7.54 -11.22 -1.63
C PHE A 117 6.37 -11.14 -2.61
N GLN A 118 5.19 -11.59 -2.13
CA GLN A 118 3.96 -11.59 -2.98
C GLN A 118 3.55 -10.14 -3.29
N LEU A 119 3.61 -9.26 -2.30
CA LEU A 119 3.24 -7.84 -2.58
C LEU A 119 4.19 -7.20 -3.60
N LEU A 120 5.47 -7.55 -3.54
CA LEU A 120 6.46 -7.03 -4.53
C LEU A 120 6.13 -7.60 -5.91
N GLN A 121 5.68 -8.87 -5.99
CA GLN A 121 5.29 -9.43 -7.28
C GLN A 121 4.08 -8.67 -7.83
N GLY A 122 3.13 -8.35 -6.96
CA GLY A 122 1.95 -7.61 -7.43
C GLY A 122 2.37 -6.21 -7.88
N LEU A 123 3.20 -5.53 -7.10
CA LEU A 123 3.68 -4.19 -7.53
C LEU A 123 4.43 -4.33 -8.85
N ALA A 124 5.35 -5.27 -8.95
CA ALA A 124 6.21 -5.40 -10.16
C ALA A 124 5.27 -5.54 -11.36
N PHE A 125 4.20 -6.35 -11.21
CA PHE A 125 3.24 -6.52 -12.31
C PHE A 125 2.55 -5.20 -12.67
N CYS A 126 1.98 -4.53 -11.72
CA CYS A 126 1.25 -3.26 -11.98
C CYS A 126 2.20 -2.22 -12.54
N HIS A 127 3.38 -2.11 -11.95
CA HIS A 127 4.37 -1.08 -12.39
C HIS A 127 4.80 -1.40 -13.82
N SER A 128 4.86 -2.66 -14.22
CA SER A 128 5.27 -3.08 -15.58
C SER A 128 4.21 -2.65 -16.58
N HIS A 129 2.97 -2.50 -16.11
CA HIS A 129 1.82 -2.07 -16.95
C HIS A 129 1.58 -0.57 -16.75
N ARG A 130 2.52 0.12 -16.14
CA ARG A 130 2.40 1.59 -15.93
C ARG A 130 1.18 1.94 -15.09
N VAL A 131 0.86 1.10 -14.10
CA VAL A 131 -0.23 1.40 -13.13
C VAL A 131 0.40 1.54 -11.73
N LEU A 132 0.18 2.66 -11.05
CA LEU A 132 0.57 2.89 -9.66
C LEU A 132 -0.61 2.63 -8.75
N HIS A 133 -0.34 2.45 -7.50
CA HIS A 133 -1.41 2.45 -6.47
C HIS A 133 -1.55 3.87 -5.90
N ARG A 134 -0.48 4.35 -5.29
CA ARG A 134 -0.34 5.68 -4.67
C ARG A 134 -0.94 5.72 -3.23
N ASP A 135 -1.78 4.75 -2.79
CA ASP A 135 -2.37 4.82 -1.44
C ASP A 135 -2.35 3.43 -0.80
N LEU A 136 -1.22 2.76 -0.87
CA LEU A 136 -1.09 1.45 -0.22
C LEU A 136 -1.12 1.62 1.29
N LYS A 137 -1.82 0.69 1.94
CA LYS A 137 -1.94 0.70 3.40
C LYS A 137 -2.37 -0.67 3.82
N PRO A 138 -2.21 -1.05 5.08
CA PRO A 138 -2.61 -2.41 5.46
C PRO A 138 -4.09 -2.74 5.17
N GLN A 139 -4.96 -1.73 5.20
CA GLN A 139 -6.40 -1.98 4.99
C GLN A 139 -6.63 -2.38 3.54
N ASN A 140 -5.78 -2.08 2.56
CA ASN A 140 -6.08 -2.50 1.19
C ASN A 140 -5.20 -3.69 0.78
N LEU A 141 -4.63 -4.38 1.77
CA LEU A 141 -3.91 -5.63 1.52
C LEU A 141 -4.78 -6.76 2.07
N LEU A 142 -5.24 -7.62 1.20
CA LEU A 142 -6.23 -8.64 1.60
C LEU A 142 -5.55 -9.99 1.60
N ILE A 143 -5.97 -10.82 2.57
CA ILE A 143 -5.37 -12.16 2.74
C ILE A 143 -6.45 -13.24 2.68
N ASN A 144 -6.03 -14.42 2.30
CA ASN A 144 -6.93 -15.59 2.36
C ASN A 144 -6.28 -16.73 3.13
N THR A 145 -7.04 -17.82 3.28
CA THR A 145 -6.61 -18.99 4.06
C THR A 145 -5.44 -19.74 3.42
N GLU A 146 -5.21 -19.55 2.12
CA GLU A 146 -4.24 -20.31 1.31
C GLU A 146 -2.85 -19.70 1.44
N GLY A 147 -2.68 -18.58 2.16
CA GLY A 147 -1.36 -17.95 2.30
C GLY A 147 -1.15 -16.88 1.26
N ALA A 148 -2.13 -16.53 0.45
CA ALA A 148 -1.97 -15.42 -0.52
C ALA A 148 -2.31 -14.07 0.11
N ILE A 149 -1.61 -13.04 -0.38
CA ILE A 149 -1.95 -11.64 -0.06
C ILE A 149 -2.09 -10.92 -1.39
N LYS A 150 -3.06 -10.01 -1.44
CA LYS A 150 -3.36 -9.33 -2.72
C LYS A 150 -3.60 -7.85 -2.42
N LEU A 151 -3.20 -7.04 -3.39
CA LEU A 151 -3.32 -5.56 -3.29
C LEU A 151 -4.65 -5.15 -3.94
N ALA A 152 -5.46 -4.43 -3.17
CA ALA A 152 -6.65 -3.79 -3.72
C ALA A 152 -6.43 -2.31 -4.02
N ASP A 153 -7.12 -1.83 -5.08
CA ASP A 153 -7.27 -0.38 -5.41
C ASP A 153 -6.09 0.16 -6.25
N PHE A 154 -5.31 -0.67 -6.93
CA PHE A 154 -4.34 -0.17 -7.93
C PHE A 154 -5.13 0.66 -8.94
N GLY A 155 -4.56 1.76 -9.40
CA GLY A 155 -4.99 2.55 -10.56
C GLY A 155 -6.09 3.51 -10.20
N LEU A 156 -6.72 3.37 -9.03
CA LEU A 156 -7.89 4.23 -8.73
C LEU A 156 -7.48 5.67 -8.46
N ALA A 157 -6.40 5.89 -7.73
CA ALA A 157 -6.00 7.28 -7.41
C ALA A 157 -5.77 8.08 -8.70
N ARG A 158 -5.11 7.53 -9.73
CA ARG A 158 -4.81 8.28 -10.98
C ARG A 158 -6.16 8.59 -11.61
N ALA A 159 -7.06 7.60 -11.65
CA ALA A 159 -8.30 7.75 -12.43
C ALA A 159 -9.22 8.75 -11.74
N PHE A 160 -9.30 8.77 -10.40
CA PHE A 160 -10.29 9.56 -9.62
C PHE A 160 -9.73 10.90 -9.10
N GLY A 161 -8.40 11.06 -8.95
CA GLY A 161 -7.76 12.20 -8.28
C GLY A 161 -8.21 12.39 -6.84
N VAL A 162 -8.41 13.64 -6.38
CA VAL A 162 -8.90 13.95 -5.00
C VAL A 162 -10.35 13.49 -4.87
N VAL A 171 -11.19 10.23 8.26
CA VAL A 171 -9.81 10.80 8.32
C VAL A 171 -8.81 9.81 7.68
N VAL A 172 -8.34 10.13 6.47
CA VAL A 172 -7.49 9.19 5.70
C VAL A 172 -6.05 9.22 6.27
N THR A 173 -5.47 8.04 6.38
CA THR A 173 -4.16 7.81 7.03
C THR A 173 -3.01 8.40 6.18
N LEU A 174 -2.08 9.07 6.84
CA LEU A 174 -0.88 9.67 6.16
C LEU A 174 0.31 8.73 6.31
N TRP A 175 0.17 7.69 7.10
CA TRP A 175 1.30 6.99 7.69
C TRP A 175 2.18 6.35 6.64
N TYR A 176 1.69 6.09 5.46
CA TYR A 176 2.41 5.32 4.44
C TYR A 176 2.82 6.23 3.26
N ARG A 177 2.51 7.52 3.39
CA ARG A 177 2.88 8.56 2.38
CA ARG A 177 2.85 8.54 2.34
C ARG A 177 4.32 8.99 2.08
N ALA A 178 4.76 8.65 0.86
CA ALA A 178 6.16 8.95 0.55
C ALA A 178 6.48 10.42 0.77
N PRO A 179 7.75 10.72 1.10
CA PRO A 179 8.13 12.09 1.44
C PRO A 179 7.97 13.08 0.26
N GLU A 180 8.16 12.60 -0.95
CA GLU A 180 7.99 13.47 -2.14
C GLU A 180 6.55 13.96 -2.19
N ILE A 181 5.59 13.12 -1.80
CA ILE A 181 4.16 13.54 -1.83
CA ILE A 181 4.17 13.55 -1.84
C ILE A 181 3.96 14.59 -0.74
N LEU A 182 4.47 14.33 0.45
CA LEU A 182 4.34 15.25 1.58
C LEU A 182 5.03 16.60 1.27
N LEU A 183 6.10 16.57 0.46
CA LEU A 183 6.81 17.82 0.11
C LEU A 183 6.15 18.50 -1.10
N GLY A 184 5.00 18.01 -1.53
CA GLY A 184 4.13 18.71 -2.51
C GLY A 184 4.52 18.46 -3.96
N CYS A 185 5.30 17.44 -4.29
CA CYS A 185 5.55 17.05 -5.67
C CYS A 185 4.21 16.64 -6.29
N LYS A 186 3.83 17.29 -7.39
CA LYS A 186 2.51 17.06 -8.04
C LYS A 186 2.60 15.91 -9.06
N TYR A 187 3.69 15.15 -9.02
CA TYR A 187 3.86 14.01 -9.95
C TYR A 187 4.29 12.85 -9.06
N TYR A 188 3.93 11.71 -9.55
CA TYR A 188 4.11 10.45 -8.82
C TYR A 188 4.99 9.54 -9.67
N SER A 189 5.67 8.63 -9.01
CA SER A 189 6.39 7.56 -9.70
C SER A 189 6.13 6.25 -8.95
N THR A 190 6.59 5.19 -9.54
CA THR A 190 6.50 3.84 -8.94
C THR A 190 7.04 3.86 -7.54
N ALA A 191 8.03 4.70 -7.27
CA ALA A 191 8.72 4.70 -5.97
C ALA A 191 7.75 4.99 -4.83
N VAL A 192 6.63 5.68 -5.08
CA VAL A 192 5.74 5.97 -3.96
C VAL A 192 5.22 4.65 -3.36
N ASP A 193 5.04 3.65 -4.20
CA ASP A 193 4.44 2.37 -3.74
C ASP A 193 5.49 1.55 -2.99
N ILE A 194 6.77 1.67 -3.39
CA ILE A 194 7.86 0.96 -2.69
C ILE A 194 7.98 1.55 -1.29
N TRP A 195 7.92 2.87 -1.17
CA TRP A 195 8.00 3.54 0.14
C TRP A 195 6.89 2.99 1.04
N SER A 196 5.65 3.02 0.55
CA SER A 196 4.49 2.55 1.38
C SER A 196 4.68 1.08 1.82
N LEU A 197 5.12 0.26 0.89
CA LEU A 197 5.38 -1.14 1.22
C LEU A 197 6.50 -1.28 2.23
N GLY A 198 7.56 -0.47 2.14
CA GLY A 198 8.62 -0.52 3.16
C GLY A 198 8.05 -0.18 4.51
N CYS A 199 7.20 0.82 4.62
CA CYS A 199 6.60 1.19 5.92
C CYS A 199 5.77 0.00 6.46
N ILE A 200 5.07 -0.69 5.56
CA ILE A 200 4.23 -1.86 5.96
C ILE A 200 5.13 -2.98 6.43
N PHE A 201 6.21 -3.27 5.72
CA PHE A 201 7.20 -4.27 6.10
C PHE A 201 7.66 -4.00 7.53
N ALA A 202 8.08 -2.77 7.81
CA ALA A 202 8.59 -2.40 9.15
C ALA A 202 7.50 -2.70 10.19
N GLU A 203 6.26 -2.31 9.89
CA GLU A 203 5.15 -2.47 10.86
C GLU A 203 4.81 -3.96 11.12
N MET A 204 4.94 -4.78 10.10
CA MET A 204 4.76 -6.23 10.31
C MET A 204 5.80 -6.74 11.30
N VAL A 205 7.04 -6.28 11.15
CA VAL A 205 8.18 -6.77 11.97
C VAL A 205 8.04 -6.25 13.38
N THR A 206 7.82 -4.94 13.58
CA THR A 206 7.94 -4.37 14.92
C THR A 206 6.61 -4.38 15.69
N ARG A 207 5.51 -4.60 14.94
CA ARG A 207 4.12 -4.61 15.47
C ARG A 207 3.68 -3.20 15.87
N ARG A 208 4.36 -2.19 15.30
CA ARG A 208 4.02 -0.76 15.51
CA ARG A 208 3.98 -0.78 15.50
C ARG A 208 4.19 -0.03 14.18
N ALA A 209 3.32 0.93 13.90
CA ALA A 209 3.49 1.72 12.67
C ALA A 209 4.87 2.41 12.72
N LEU A 210 5.49 2.50 11.56
CA LEU A 210 6.83 3.15 11.52
C LEU A 210 6.73 4.66 11.72
N PHE A 211 5.81 5.28 11.02
CA PHE A 211 5.65 6.76 10.98
C PHE A 211 4.18 7.13 11.16
N PRO A 212 3.63 7.02 12.38
CA PRO A 212 2.21 7.29 12.58
C PRO A 212 1.87 8.77 12.78
N GLY A 213 1.98 9.53 11.69
CA GLY A 213 1.75 10.98 11.76
C GLY A 213 0.30 11.30 11.91
N ASP A 214 -0.02 12.40 12.59
CA ASP A 214 -1.48 12.72 12.68
CA ASP A 214 -1.36 12.91 12.96
C ASP A 214 -1.75 14.05 11.99
N SER A 215 -0.82 14.50 11.18
CA SER A 215 -0.92 15.69 10.32
C SER A 215 0.23 15.62 9.31
N GLU A 216 0.16 16.42 8.28
CA GLU A 216 1.18 16.35 7.23
C GLU A 216 2.54 16.72 7.80
N ILE A 217 2.63 17.74 8.64
CA ILE A 217 3.97 18.13 9.14
C ILE A 217 4.45 17.12 10.18
N ASP A 218 3.53 16.57 10.96
CA ASP A 218 3.92 15.53 11.94
C ASP A 218 4.42 14.31 11.18
N GLN A 219 3.75 13.97 10.07
CA GLN A 219 4.20 12.84 9.25
C GLN A 219 5.62 13.10 8.76
N LEU A 220 5.79 14.24 8.12
CA LEU A 220 7.14 14.58 7.56
C LEU A 220 8.20 14.58 8.65
N PHE A 221 7.90 15.19 9.82
CA PHE A 221 8.92 15.34 10.88
C PHE A 221 9.17 13.97 11.52
N ARG A 222 8.17 13.06 11.58
CA ARG A 222 8.47 11.69 12.08
C ARG A 222 9.44 11.00 11.13
N ILE A 223 9.24 11.17 9.84
CA ILE A 223 10.19 10.59 8.87
C ILE A 223 11.56 11.21 9.13
N PHE A 224 11.63 12.53 9.23
CA PHE A 224 12.95 13.23 9.33
C PHE A 224 13.63 12.79 10.62
N ARG A 225 12.89 12.63 11.72
CA ARG A 225 13.49 12.25 13.03
C ARG A 225 14.11 10.86 12.96
N THR A 226 13.58 9.97 12.12
CA THR A 226 14.12 8.59 11.96
C THR A 226 15.22 8.54 10.90
N LEU A 227 14.98 9.10 9.72
CA LEU A 227 15.88 8.92 8.55
C LEU A 227 16.88 10.10 8.44
N GLY A 228 16.70 11.12 9.26
CA GLY A 228 17.48 12.38 9.15
C GLY A 228 16.74 13.35 8.25
N THR A 229 16.87 14.63 8.52
CA THR A 229 16.32 15.64 7.61
C THR A 229 17.02 15.48 6.28
N PRO A 230 16.29 15.40 5.15
CA PRO A 230 16.95 15.25 3.88
C PRO A 230 17.66 16.55 3.47
N ASP A 231 18.69 16.35 2.66
CA ASP A 231 19.46 17.50 2.15
C ASP A 231 19.80 17.20 0.71
N GLU A 232 20.50 18.17 0.10
CA GLU A 232 20.87 18.00 -1.32
C GLU A 232 21.91 16.89 -1.56
N VAL A 233 22.61 16.43 -0.53
CA VAL A 233 23.57 15.31 -0.68
C VAL A 233 22.79 14.00 -0.89
N VAL A 234 21.83 13.74 -0.02
CA VAL A 234 21.14 12.42 -0.11
C VAL A 234 19.98 12.50 -1.08
N TRP A 235 19.48 13.69 -1.33
CA TRP A 235 18.30 13.87 -2.21
C TRP A 235 18.48 15.12 -3.06
N PRO A 236 19.19 14.97 -4.19
CA PRO A 236 19.45 16.14 -5.01
C PRO A 236 18.12 16.62 -5.56
N GLY A 237 17.85 17.89 -5.41
CA GLY A 237 16.59 18.50 -5.85
C GLY A 237 15.63 18.75 -4.68
N VAL A 238 15.87 18.19 -3.49
CA VAL A 238 14.83 18.24 -2.42
C VAL A 238 14.53 19.68 -2.05
N THR A 239 15.54 20.55 -2.05
CA THR A 239 15.36 21.88 -1.45
C THR A 239 14.56 22.76 -2.42
N SER A 240 14.22 22.28 -3.61
CA SER A 240 13.39 23.03 -4.58
C SER A 240 11.99 22.43 -4.66
N MET A 241 11.69 21.42 -3.86
CA MET A 241 10.33 20.84 -3.95
CA MET A 241 10.36 20.74 -3.76
C MET A 241 9.34 21.82 -3.37
N PRO A 242 8.08 21.76 -3.84
CA PRO A 242 7.14 22.84 -3.56
C PRO A 242 6.94 23.23 -2.08
N ASP A 243 6.89 22.25 -1.17
CA ASP A 243 6.56 22.52 0.24
C ASP A 243 7.83 22.38 1.09
N TYR A 244 8.99 22.28 0.44
CA TYR A 244 10.27 22.30 1.21
C TYR A 244 10.42 23.67 1.87
N LYS A 245 10.81 23.70 3.14
CA LYS A 245 11.12 24.94 3.86
C LYS A 245 12.52 24.83 4.40
N PRO A 246 13.37 25.85 4.14
CA PRO A 246 14.72 25.89 4.69
C PRO A 246 14.75 25.89 6.21
N SER A 247 13.63 26.27 6.82
CA SER A 247 13.44 26.34 8.28
C SER A 247 13.09 24.97 8.90
N PHE A 248 13.01 23.91 8.11
CA PHE A 248 12.81 22.58 8.71
C PHE A 248 13.92 22.27 9.68
N PRO A 249 13.61 21.74 10.88
CA PRO A 249 14.68 21.32 11.79
C PRO A 249 15.57 20.26 11.12
N LYS A 250 16.84 20.25 11.54
CA LYS A 250 17.85 19.33 10.98
C LYS A 250 18.11 18.22 12.00
N TRP A 251 17.43 17.09 11.80
CA TRP A 251 17.63 15.89 12.65
C TRP A 251 18.66 14.97 12.03
N ALA A 252 19.44 14.31 12.88
CA ALA A 252 20.35 13.23 12.44
C ALA A 252 19.58 11.94 12.18
N ARG A 253 20.13 11.10 11.29
CA ARG A 253 19.48 9.82 10.90
C ARG A 253 19.84 8.70 11.87
N GLN A 254 18.81 7.95 12.31
CA GLN A 254 18.94 6.78 13.21
C GLN A 254 19.39 5.55 12.40
N ASP A 255 20.03 4.58 13.05
CA ASP A 255 20.35 3.25 12.48
C ASP A 255 19.08 2.40 12.36
N PHE A 256 18.97 1.68 11.25
CA PHE A 256 17.84 0.72 11.08
C PHE A 256 17.88 -0.31 12.18
N SER A 257 19.05 -0.68 12.70
CA SER A 257 19.14 -1.65 13.80
C SER A 257 18.27 -1.16 14.98
N LYS A 258 18.17 0.15 15.20
CA LYS A 258 17.37 0.73 16.29
C LYS A 258 15.89 0.68 15.91
N VAL A 259 15.64 0.92 14.63
CA VAL A 259 14.29 1.19 14.12
C VAL A 259 13.48 -0.10 13.97
N VAL A 260 14.06 -1.19 13.44
CA VAL A 260 13.26 -2.43 13.20
C VAL A 260 13.92 -3.67 13.80
N PRO A 261 14.29 -3.66 15.10
CA PRO A 261 14.82 -4.86 15.74
C PRO A 261 13.64 -5.84 15.86
N PRO A 262 13.86 -7.17 15.74
CA PRO A 262 15.19 -7.72 15.53
C PRO A 262 15.49 -8.16 14.09
N LEU A 263 14.91 -7.50 13.09
CA LEU A 263 15.14 -7.85 11.68
C LEU A 263 16.66 -8.01 11.40
N ASP A 264 16.99 -9.02 10.64
CA ASP A 264 18.39 -9.35 10.31
C ASP A 264 18.91 -8.39 9.25
N GLU A 265 20.21 -8.51 8.96
CA GLU A 265 20.90 -7.51 8.14
C GLU A 265 20.35 -7.59 6.71
N ASP A 266 19.88 -8.76 6.26
CA ASP A 266 19.26 -8.84 4.91
C ASP A 266 17.99 -7.99 4.90
N GLY A 267 17.14 -8.20 5.90
CA GLY A 267 15.88 -7.43 5.98
C GLY A 267 16.16 -5.93 6.09
N ARG A 268 17.12 -5.55 6.94
CA ARG A 268 17.40 -4.10 7.17
C ARG A 268 17.98 -3.51 5.87
N SER A 269 18.81 -4.26 5.16
CA SER A 269 19.39 -3.76 3.89
C SER A 269 18.25 -3.48 2.91
N LEU A 270 17.35 -4.47 2.75
CA LEU A 270 16.22 -4.28 1.81
C LEU A 270 15.34 -3.10 2.25
N LEU A 271 15.02 -3.02 3.50
CA LEU A 271 14.16 -1.94 3.99
C LEU A 271 14.84 -0.60 3.71
N SER A 272 16.14 -0.49 3.97
CA SER A 272 16.93 0.75 3.69
CA SER A 272 16.86 0.80 3.72
C SER A 272 16.70 1.19 2.25
N GLN A 273 16.72 0.23 1.34
CA GLN A 273 16.62 0.47 -0.11
C GLN A 273 15.21 0.92 -0.49
N MET A 274 14.19 0.42 0.24
CA MET A 274 12.81 0.81 -0.01
C MET A 274 12.49 2.16 0.59
N LEU A 275 13.32 2.67 1.50
CA LEU A 275 13.04 3.92 2.22
C LEU A 275 14.12 4.98 1.91
N HIS A 276 14.81 4.85 0.78
CA HIS A 276 15.69 5.98 0.37
C HIS A 276 14.82 7.21 0.19
N TYR A 277 15.37 8.36 0.52
CA TYR A 277 14.60 9.61 0.31
C TYR A 277 14.37 9.83 -1.18
N ASP A 278 15.42 9.82 -1.96
CA ASP A 278 15.30 10.15 -3.38
C ASP A 278 14.50 9.05 -4.04
N PRO A 279 13.32 9.34 -4.60
CA PRO A 279 12.55 8.28 -5.23
C PRO A 279 13.37 7.55 -6.26
N ASN A 280 14.29 8.29 -6.95
CA ASN A 280 15.09 7.65 -8.00
C ASN A 280 16.05 6.59 -7.44
N LYS A 281 16.46 6.69 -6.19
CA LYS A 281 17.42 5.73 -5.57
C LYS A 281 16.68 4.53 -4.98
N ARG A 282 15.39 4.66 -4.74
CA ARG A 282 14.60 3.62 -4.07
C ARG A 282 14.58 2.40 -4.99
N ILE A 283 14.77 1.23 -4.41
CA ILE A 283 14.78 -0.06 -5.15
C ILE A 283 13.44 -0.23 -5.89
N SER A 284 13.52 -0.82 -7.06
CA SER A 284 12.30 -1.20 -7.81
C SER A 284 11.71 -2.46 -7.21
N ALA A 285 10.42 -2.70 -7.50
CA ALA A 285 9.82 -3.98 -7.06
C ALA A 285 10.52 -5.15 -7.68
N LYS A 286 10.81 -5.03 -8.91
CA LYS A 286 11.54 -6.09 -9.65
CA LYS A 286 11.48 -6.17 -9.51
C LYS A 286 12.87 -6.43 -8.96
N ALA A 287 13.69 -5.40 -8.71
CA ALA A 287 15.03 -5.62 -8.13
C ALA A 287 14.88 -6.14 -6.71
N ALA A 288 13.83 -5.70 -6.01
CA ALA A 288 13.66 -6.11 -4.61
C ALA A 288 13.39 -7.63 -4.55
N LEU A 289 12.71 -8.16 -5.58
CA LEU A 289 12.43 -9.63 -5.59
C LEU A 289 13.74 -10.44 -5.63
N ALA A 290 14.80 -9.88 -6.20
CA ALA A 290 16.10 -10.56 -6.31
C ALA A 290 16.96 -10.33 -5.05
N HIS A 291 16.52 -9.58 -4.05
CA HIS A 291 17.35 -9.20 -2.88
C HIS A 291 17.67 -10.48 -2.12
N PRO A 292 18.87 -10.63 -1.54
CA PRO A 292 19.20 -11.79 -0.72
C PRO A 292 18.18 -12.09 0.39
N PHE A 293 17.46 -11.09 0.90
CA PHE A 293 16.43 -11.34 1.92
C PHE A 293 15.49 -12.49 1.48
N PHE A 294 15.24 -12.64 0.20
CA PHE A 294 14.25 -13.61 -0.30
C PHE A 294 14.88 -14.93 -0.74
N GLN A 295 16.14 -15.17 -0.40
CA GLN A 295 16.87 -16.44 -0.69
C GLN A 295 16.00 -17.62 -0.24
N ASP A 296 15.54 -17.52 0.97
CA ASP A 296 14.86 -18.65 1.66
C ASP A 296 13.34 -18.45 1.71
N VAL A 297 12.75 -17.64 0.84
CA VAL A 297 11.30 -17.41 0.91
C VAL A 297 10.54 -18.73 0.68
N THR A 298 9.40 -18.82 1.37
CA THR A 298 8.47 -19.95 1.29
C THR A 298 7.10 -19.34 1.32
N LYS A 299 6.08 -20.21 1.27
CA LYS A 299 4.68 -19.75 1.29
C LYS A 299 3.96 -20.48 2.41
N PRO A 300 4.05 -20.02 3.66
CA PRO A 300 3.40 -20.68 4.79
C PRO A 300 1.90 -20.45 4.78
N VAL A 301 1.19 -21.26 5.57
CA VAL A 301 -0.26 -21.19 5.86
C VAL A 301 -0.43 -20.26 7.04
N PRO A 302 -1.21 -19.17 6.92
CA PRO A 302 -1.46 -18.28 8.05
C PRO A 302 -2.51 -18.93 8.95
N HIS A 303 -2.55 -18.50 10.21
CA HIS A 303 -3.68 -18.89 11.09
C HIS A 303 -4.71 -17.75 11.01
N LEU A 304 -5.76 -17.91 10.20
CA LEU A 304 -6.76 -16.83 10.02
C LEU A 304 -8.12 -17.23 10.61
N ARG A 305 -8.48 -16.59 11.74
CA ARG A 305 -9.79 -16.81 12.40
C ARG A 305 -10.79 -15.90 11.69
N LEU A 306 -11.81 -16.47 11.08
CA LEU A 306 -12.83 -15.67 10.35
C LEU A 306 -14.18 -15.77 11.08
N1 PYZ B . -13.08 -7.39 0.82
N2 PYZ B . -12.71 -8.13 -0.22
C3 PYZ B . -12.27 -7.39 -1.24
C4 PYZ B . -12.30 -6.11 -0.85
I4 PYZ B . -11.66 -4.50 -1.98
C5 PYZ B . -12.75 -6.13 0.48
N1 PYZ C . -12.48 -8.12 -0.46
N2 PYZ C . -12.19 -7.51 -1.64
C3 PYZ C . -12.03 -6.19 -1.48
C4 PYZ C . -12.18 -5.95 -0.14
I4 PYZ C . -11.94 -4.14 0.77
C5 PYZ C . -12.49 -7.17 0.45
#